data_1MMP
#
_entry.id   1MMP
#
_cell.length_a   62.000
_cell.length_b   62.000
_cell.length_c   175.700
_cell.angle_alpha   90.00
_cell.angle_beta   90.00
_cell.angle_gamma   120.00
#
_symmetry.space_group_name_H-M   'P 32 2 1'
#
loop_
_entity.id
_entity.type
_entity.pdbx_description
1 polymer 'GELATINASE A'
2 non-polymer 'ZINC ION'
3 non-polymer 'CALCIUM ION'
4 non-polymer '5-METHYL-3-(9-OXO-1,8-DIAZA-TRICYCLO[10.6.1.013,18]NONADECA-12(19),13,15,17-TETRAEN-10-YLCARBAMOYL)-HEXANOIC ACID'
5 water water
#
_entity_poly.entity_id   1
_entity_poly.type   'polypeptide(L)'
_entity_poly.pdbx_seq_one_letter_code
;YSLFPNSPKWTSKVVTYRIVSYTRDLPHITVDRLVSKALNMWGKEIPLHFRKVVWGTADIMIGFARGAHGDSYPFDGPGN
TLAHAFAPGTGLGGDAHFDEDERWTDGSSLGINFLYAATHELGHSLGMGHSSDPNAVMYPTYGNGDPQNFKLSQDDIKGI
QKLYGKRSNS
;
_entity_poly.pdbx_strand_id   A,B
#
loop_
_chem_comp.id
_chem_comp.type
_chem_comp.name
_chem_comp.formula
CA non-polymer 'CALCIUM ION' 'Ca 2'
RSS non-polymer '5-METHYL-3-(9-OXO-1,8-DIAZA-TRICYCLO[10.6.1.013,18]NONADECA-12(19),13,15,17-TETRAEN-10-YLCARBAMOYL)-HEXANOIC ACID' 'C25 H35 N3 O4'
ZN non-polymer 'ZINC ION' 'Zn 2'
#
# COMPACT_ATOMS: atom_id res chain seq x y z
N TYR A 1 27.32 7.31 3.56
CA TYR A 1 25.89 7.25 3.84
C TYR A 1 25.64 6.36 5.02
N SER A 2 24.46 6.37 5.61
CA SER A 2 24.11 5.47 6.70
C SER A 2 22.62 5.22 6.48
N LEU A 3 22.15 4.11 6.97
CA LEU A 3 20.75 3.71 6.82
C LEU A 3 20.14 3.77 8.18
N PHE A 4 18.84 3.56 8.36
CA PHE A 4 18.31 3.57 9.74
C PHE A 4 18.61 2.22 10.36
N PRO A 5 18.67 2.14 11.70
CA PRO A 5 18.87 0.83 12.34
C PRO A 5 17.84 -0.14 11.78
N ASN A 6 18.32 -1.34 11.50
CA ASN A 6 17.56 -2.47 10.95
C ASN A 6 17.12 -2.28 9.49
N SER A 7 17.63 -1.23 8.83
CA SER A 7 17.35 -0.97 7.40
C SER A 7 15.90 -1.08 6.93
N PRO A 8 14.97 -0.37 7.60
CA PRO A 8 13.59 -0.33 7.10
C PRO A 8 13.57 0.21 5.68
N LYS A 9 12.67 -0.28 4.83
CA LYS A 9 12.60 0.20 3.46
C LYS A 9 11.20 -0.10 2.97
N TRP A 10 10.71 0.58 1.94
CA TRP A 10 9.38 0.28 1.44
C TRP A 10 9.51 -1.06 0.81
N THR A 11 8.59 -1.98 1.08
CA THR A 11 8.66 -3.31 0.46
C THR A 11 7.58 -3.39 -0.62
N SER A 12 7.60 -2.53 -1.63
CA SER A 12 6.59 -2.54 -2.72
C SER A 12 7.15 -1.81 -3.92
N LYS A 13 6.65 -2.07 -5.12
CA LYS A 13 7.18 -1.37 -6.28
C LYS A 13 6.70 0.06 -6.34
N VAL A 14 5.48 0.31 -5.86
CA VAL A 14 4.95 1.68 -5.90
C VAL A 14 4.73 2.14 -4.48
N VAL A 15 5.06 3.41 -4.24
CA VAL A 15 4.90 4.06 -2.93
C VAL A 15 4.05 5.29 -3.18
N THR A 16 2.97 5.42 -2.44
CA THR A 16 2.10 6.57 -2.63
C THR A 16 2.50 7.73 -1.75
N TYR A 17 2.06 8.93 -2.10
CA TYR A 17 2.36 10.10 -1.26
C TYR A 17 1.19 11.06 -1.40
N ARG A 18 0.95 11.86 -0.37
CA ARG A 18 -0.15 12.83 -0.38
C ARG A 18 0.34 14.09 0.32
N ILE A 19 0.14 15.25 -0.30
CA ILE A 19 0.53 16.52 0.33
C ILE A 19 -0.71 16.96 1.06
N VAL A 20 -0.71 16.72 2.36
CA VAL A 20 -1.85 17.06 3.21
C VAL A 20 -2.02 18.54 3.49
N SER A 21 -0.95 19.32 3.62
CA SER A 21 -1.06 20.77 3.86
C SER A 21 0.07 21.47 3.14
N TYR A 22 -0.17 22.74 2.86
CA TYR A 22 0.74 23.63 2.13
C TYR A 22 1.26 24.80 2.97
N THR A 23 2.31 25.43 2.48
CA THR A 23 2.89 26.59 3.13
C THR A 23 2.23 27.82 2.49
N ARG A 24 2.19 28.93 3.22
CA ARG A 24 1.64 30.16 2.63
C ARG A 24 2.74 30.81 1.76
N ASP A 25 4.03 30.44 1.89
CA ASP A 25 5.12 31.06 1.11
C ASP A 25 5.20 30.77 -0.34
N LEU A 26 4.62 29.67 -0.79
CA LEU A 26 4.70 29.33 -2.20
C LEU A 26 3.33 29.04 -2.79
N PRO A 27 3.15 29.26 -4.10
CA PRO A 27 1.97 28.75 -4.77
C PRO A 27 1.87 27.24 -4.53
N HIS A 28 0.64 26.70 -4.45
CA HIS A 28 0.49 25.25 -4.25
C HIS A 28 1.10 24.47 -5.37
N ILE A 29 0.97 24.95 -6.61
CA ILE A 29 1.55 24.19 -7.73
C ILE A 29 3.06 24.08 -7.62
N THR A 30 3.72 25.08 -7.05
CA THR A 30 5.17 25.00 -6.90
C THR A 30 5.50 23.89 -5.91
N VAL A 31 4.78 23.78 -4.79
CA VAL A 31 5.10 22.72 -3.84
C VAL A 31 4.89 21.37 -4.52
N ASP A 32 3.80 21.20 -5.25
CA ASP A 32 3.59 19.94 -5.95
C ASP A 32 4.69 19.62 -6.92
N ARG A 33 5.06 20.58 -7.79
CA ARG A 33 6.14 20.36 -8.79
C ARG A 33 7.46 19.99 -8.09
N LEU A 34 7.78 20.72 -7.01
CA LEU A 34 9.01 20.47 -6.27
C LEU A 34 9.00 19.14 -5.52
N VAL A 35 7.89 18.71 -4.91
CA VAL A 35 7.87 17.39 -4.22
C VAL A 35 8.13 16.34 -5.27
N SER A 36 7.46 16.46 -6.42
CA SER A 36 7.66 15.51 -7.53
C SER A 36 9.12 15.49 -7.96
N LYS A 37 9.70 16.67 -8.18
CA LYS A 37 11.11 16.83 -8.59
C LYS A 37 12.00 16.08 -7.60
N ALA A 38 11.77 16.33 -6.30
CA ALA A 38 12.54 15.72 -5.22
C ALA A 38 12.42 14.20 -5.20
N LEU A 39 11.20 13.67 -5.23
CA LEU A 39 11.00 12.22 -5.20
C LEU A 39 11.70 11.61 -6.38
N ASN A 40 11.52 12.18 -7.55
CA ASN A 40 12.16 11.61 -8.72
C ASN A 40 13.66 11.72 -8.70
N MET A 41 14.28 12.59 -7.89
CA MET A 41 15.76 12.62 -7.85
C MET A 41 16.24 11.27 -7.32
N TRP A 42 15.57 10.77 -6.28
CA TRP A 42 15.93 9.45 -5.72
C TRP A 42 15.37 8.38 -6.65
N GLY A 43 14.14 8.57 -7.11
CA GLY A 43 13.43 7.63 -8.00
C GLY A 43 14.29 7.21 -9.16
N LYS A 44 14.94 8.13 -9.86
CA LYS A 44 15.79 7.79 -11.01
C LYS A 44 16.86 6.76 -10.68
N GLU A 45 17.35 6.64 -9.46
CA GLU A 45 18.40 5.66 -9.19
C GLU A 45 17.92 4.29 -8.81
N ILE A 46 16.63 4.16 -8.55
CA ILE A 46 16.12 2.89 -8.01
C ILE A 46 14.92 2.33 -8.72
N PRO A 47 14.60 1.06 -8.46
CA PRO A 47 13.38 0.52 -9.09
C PRO A 47 12.04 0.97 -8.50
N LEU A 48 11.94 1.81 -7.46
CA LEU A 48 10.61 2.22 -6.94
C LEU A 48 9.87 3.15 -7.90
N HIS A 49 8.56 3.35 -7.72
CA HIS A 49 7.77 4.28 -8.55
C HIS A 49 6.86 4.99 -7.55
N PHE A 50 6.52 6.25 -7.77
CA PHE A 50 5.69 7.01 -6.82
C PHE A 50 4.36 7.42 -7.42
N ARG A 51 3.29 7.52 -6.61
CA ARG A 51 1.97 7.92 -7.08
C ARG A 51 1.35 8.85 -6.05
N LYS A 52 0.90 10.00 -6.48
CA LYS A 52 0.30 11.02 -5.63
C LYS A 52 -1.16 10.72 -5.45
N VAL A 53 -1.72 10.76 -4.23
CA VAL A 53 -3.17 10.57 -4.07
C VAL A 53 -3.66 11.88 -3.42
N VAL A 54 -4.94 12.25 -3.56
CA VAL A 54 -5.40 13.52 -2.95
C VAL A 54 -6.37 13.40 -1.76
N TRP A 55 -6.60 12.18 -1.25
CA TRP A 55 -7.51 11.95 -0.11
C TRP A 55 -7.07 10.65 0.53
N GLY A 56 -7.50 10.37 1.76
CA GLY A 56 -7.13 9.15 2.47
C GLY A 56 -5.66 9.09 2.83
N THR A 57 -5.27 7.85 3.15
CA THR A 57 -3.91 7.46 3.54
C THR A 57 -3.00 7.20 2.36
N ALA A 58 -1.75 7.50 2.55
CA ALA A 58 -0.71 7.29 1.54
C ALA A 58 0.48 6.83 2.36
N ASP A 59 1.44 6.14 1.80
CA ASP A 59 2.62 5.72 2.56
C ASP A 59 3.35 6.94 3.08
N ILE A 60 3.56 7.96 2.25
CA ILE A 60 4.25 9.18 2.66
C ILE A 60 3.27 10.36 2.78
N MET A 61 3.07 10.87 3.99
CA MET A 61 2.17 12.01 4.16
C MET A 61 3.09 13.22 4.34
N ILE A 62 2.91 14.24 3.50
CA ILE A 62 3.70 15.47 3.54
C ILE A 62 2.84 16.63 4.03
N GLY A 63 3.36 17.45 4.94
CA GLY A 63 2.62 18.59 5.44
C GLY A 63 3.51 19.60 6.10
N PHE A 64 3.04 20.82 6.19
CA PHE A 64 3.74 21.94 6.85
C PHE A 64 3.08 22.10 8.21
N ALA A 65 3.82 22.51 9.25
CA ALA A 65 3.23 22.70 10.60
C ALA A 65 4.11 23.61 11.41
N ARG A 66 3.54 24.40 12.29
CA ARG A 66 4.34 25.28 13.14
C ARG A 66 4.20 24.68 14.52
N GLY A 67 5.22 24.70 15.36
CA GLY A 67 5.08 24.17 16.72
C GLY A 67 4.58 22.75 16.86
N ALA A 68 3.83 22.50 17.92
CA ALA A 68 3.29 21.17 18.20
C ALA A 68 2.28 20.80 17.13
N HIS A 69 2.32 19.60 16.58
CA HIS A 69 1.37 19.18 15.52
C HIS A 69 0.99 17.70 15.60
N GLY A 70 0.84 17.22 16.84
CA GLY A 70 0.42 15.84 17.06
C GLY A 70 1.50 14.81 17.21
N ASP A 71 2.58 14.86 16.44
CA ASP A 71 3.61 13.80 16.52
C ASP A 71 4.68 13.79 17.57
N SER A 72 4.61 14.59 18.62
CA SER A 72 5.66 14.56 19.66
C SER A 72 7.07 15.06 19.24
N TYR A 73 7.18 15.84 18.18
CA TYR A 73 8.47 16.41 17.76
C TYR A 73 8.07 17.85 17.36
N PRO A 74 7.71 18.68 18.34
CA PRO A 74 7.21 20.04 18.06
C PRO A 74 8.20 20.84 17.29
N PHE A 75 7.77 21.66 16.34
CA PHE A 75 8.77 22.49 15.66
C PHE A 75 9.14 23.61 16.63
N ASP A 76 10.16 24.35 16.28
CA ASP A 76 10.72 25.37 17.16
C ASP A 76 10.78 26.80 16.61
N GLY A 77 9.93 27.24 15.72
CA GLY A 77 10.02 28.62 15.22
C GLY A 77 11.09 28.78 14.16
N PRO A 78 11.33 29.98 13.64
CA PRO A 78 12.29 30.21 12.56
C PRO A 78 13.68 29.66 12.88
N GLY A 79 14.37 29.09 11.90
CA GLY A 79 15.71 28.56 12.10
C GLY A 79 15.75 27.27 12.89
N ASN A 80 16.97 26.84 13.26
CA ASN A 80 17.21 25.60 14.02
C ASN A 80 16.68 24.42 13.23
N THR A 81 15.83 23.53 13.71
CA THR A 81 15.31 22.41 12.93
C THR A 81 14.42 22.99 11.86
N LEU A 82 14.71 22.68 10.60
CA LEU A 82 13.96 23.14 9.43
C LEU A 82 12.75 22.25 9.08
N ALA A 83 12.90 20.95 9.31
CA ALA A 83 11.88 19.94 8.98
C ALA A 83 12.27 18.62 9.59
N HIS A 84 11.45 17.58 9.48
CA HIS A 84 11.84 16.26 9.96
C HIS A 84 10.98 15.24 9.23
N ALA A 85 11.47 14.00 9.13
CA ALA A 85 10.75 12.92 8.41
C ALA A 85 11.04 11.60 9.14
N PHE A 86 10.28 10.55 8.83
CA PHE A 86 10.45 9.29 9.56
C PHE A 86 10.74 8.13 8.65
N ALA A 87 11.52 7.19 9.15
CA ALA A 87 11.91 5.97 8.40
C ALA A 87 10.69 5.24 7.87
N PRO A 88 10.80 4.49 6.77
CA PRO A 88 9.65 3.72 6.24
C PRO A 88 8.95 2.89 7.31
N GLY A 89 7.64 2.76 7.21
CA GLY A 89 6.84 1.99 8.19
C GLY A 89 5.39 2.44 8.08
N THR A 90 4.53 1.98 8.97
CA THR A 90 3.10 2.40 8.89
C THR A 90 2.88 3.57 9.84
N GLY A 91 1.71 4.22 9.74
CA GLY A 91 1.44 5.37 10.60
C GLY A 91 2.35 6.52 10.21
N LEU A 92 3.01 7.10 11.18
CA LEU A 92 3.92 8.22 10.99
C LEU A 92 5.09 7.80 10.11
N GLY A 93 5.38 6.51 10.04
CA GLY A 93 6.51 6.05 9.22
C GLY A 93 6.44 6.61 7.83
N GLY A 94 7.54 7.09 7.29
CA GLY A 94 7.60 7.65 5.94
C GLY A 94 7.16 9.10 5.85
N ASP A 95 6.49 9.66 6.85
CA ASP A 95 6.01 11.07 6.69
C ASP A 95 7.07 12.11 6.74
N ALA A 96 6.83 13.26 6.12
CA ALA A 96 7.78 14.37 6.07
C ALA A 96 7.03 15.65 6.49
N HIS A 97 7.51 16.37 7.52
CA HIS A 97 6.83 17.59 8.01
C HIS A 97 7.83 18.72 7.87
N PHE A 98 7.38 19.89 7.41
CA PHE A 98 8.24 21.05 7.18
C PHE A 98 7.76 22.11 8.11
N ASP A 99 8.69 22.79 8.76
CA ASP A 99 8.34 23.83 9.71
C ASP A 99 7.78 25.04 8.99
N GLU A 100 6.49 25.31 9.16
CA GLU A 100 5.88 26.47 8.51
C GLU A 100 6.52 27.77 9.02
N ASP A 101 7.20 27.81 10.16
CA ASP A 101 7.84 29.08 10.60
C ASP A 101 9.05 29.46 9.77
N GLU A 102 9.48 28.59 8.87
CA GLU A 102 10.62 28.95 8.00
C GLU A 102 10.14 29.72 6.80
N ARG A 103 11.00 30.53 6.19
CA ARG A 103 10.64 31.30 4.99
C ARG A 103 10.98 30.38 3.84
N TRP A 104 10.04 29.59 3.32
CA TRP A 104 10.35 28.68 2.23
C TRP A 104 10.41 29.36 0.89
N THR A 105 11.28 28.90 0.02
CA THR A 105 11.42 29.48 -1.31
C THR A 105 11.76 28.41 -2.34
N ASP A 106 11.48 28.74 -3.58
CA ASP A 106 11.78 27.86 -4.72
C ASP A 106 13.19 28.22 -5.20
N GLY A 107 13.83 29.24 -4.62
CA GLY A 107 15.20 29.58 -5.03
C GLY A 107 15.28 30.99 -5.56
N SER A 108 14.17 31.58 -5.96
CA SER A 108 14.22 32.95 -6.47
C SER A 108 14.15 34.03 -5.37
N SER A 109 14.18 33.68 -4.09
CA SER A 109 14.14 34.68 -3.01
C SER A 109 15.05 34.23 -1.88
N LEU A 110 15.25 35.09 -0.90
CA LEU A 110 16.07 34.76 0.24
C LEU A 110 15.24 33.84 1.14
N GLY A 111 15.78 32.77 1.68
CA GLY A 111 14.96 31.90 2.53
C GLY A 111 15.52 30.51 2.52
N ILE A 112 14.72 29.49 2.72
CA ILE A 112 15.20 28.10 2.72
C ILE A 112 14.62 27.46 1.47
N ASN A 113 15.49 26.89 0.69
CA ASN A 113 15.14 26.25 -0.57
C ASN A 113 14.35 24.99 -0.31
N PHE A 114 13.08 24.99 -0.67
CA PHE A 114 12.21 23.84 -0.46
C PHE A 114 12.64 22.63 -1.26
N LEU A 115 13.11 22.74 -2.50
CA LEU A 115 13.52 21.52 -3.24
C LEU A 115 14.68 20.83 -2.49
N TYR A 116 15.69 21.59 -2.06
CA TYR A 116 16.82 21.00 -1.34
C TYR A 116 16.28 20.32 -0.07
N ALA A 117 15.50 21.06 0.74
CA ALA A 117 14.95 20.49 2.00
C ALA A 117 14.11 19.25 1.75
N ALA A 118 13.22 19.28 0.76
CA ALA A 118 12.38 18.13 0.44
C ALA A 118 13.23 16.97 -0.02
N THR A 119 14.30 17.18 -0.80
CA THR A 119 15.09 16.02 -1.25
C THR A 119 15.68 15.31 -0.03
N HIS A 120 16.18 16.10 0.91
CA HIS A 120 16.76 15.57 2.16
C HIS A 120 15.68 14.81 2.97
N GLU A 121 14.55 15.43 3.23
CA GLU A 121 13.51 14.77 4.01
C GLU A 121 12.96 13.53 3.33
N LEU A 122 12.69 13.57 2.02
CA LEU A 122 12.17 12.37 1.35
C LEU A 122 13.26 11.32 1.33
N GLY A 123 14.55 11.69 1.41
CA GLY A 123 15.62 10.70 1.48
C GLY A 123 15.34 9.91 2.77
N HIS A 124 15.07 10.58 3.90
CA HIS A 124 14.72 9.93 5.17
C HIS A 124 13.47 9.07 4.95
N SER A 125 12.42 9.58 4.32
CA SER A 125 11.17 8.82 4.02
C SER A 125 11.46 7.54 3.25
N LEU A 126 12.52 7.51 2.44
CA LEU A 126 12.91 6.29 1.70
C LEU A 126 13.81 5.38 2.52
N GLY A 127 14.34 5.83 3.67
CA GLY A 127 15.19 4.92 4.46
C GLY A 127 16.61 5.42 4.68
N MET A 128 16.96 6.56 4.11
CA MET A 128 18.31 7.11 4.28
C MET A 128 18.56 7.76 5.63
N GLY A 129 19.74 7.52 6.20
CA GLY A 129 20.14 8.11 7.47
C GLY A 129 21.08 9.27 7.07
N HIS A 130 21.83 9.82 8.01
CA HIS A 130 22.73 10.93 7.70
C HIS A 130 24.07 10.51 7.19
N SER A 131 24.67 11.40 6.39
CA SER A 131 26.01 11.22 5.81
C SER A 131 27.05 12.05 6.58
N SER A 132 28.29 11.59 6.58
CA SER A 132 29.42 12.31 7.19
C SER A 132 30.05 13.20 6.13
N ASP A 133 29.73 12.95 4.86
CA ASP A 133 30.24 13.73 3.73
C ASP A 133 29.53 15.07 3.62
N PRO A 134 30.24 16.19 3.89
CA PRO A 134 29.68 17.56 3.87
C PRO A 134 28.98 17.86 2.59
N ASN A 135 29.37 17.23 1.50
CA ASN A 135 28.79 17.42 0.17
C ASN A 135 27.54 16.60 -0.09
N ALA A 136 27.25 15.55 0.65
CA ALA A 136 26.03 14.78 0.36
C ALA A 136 24.77 15.52 0.76
N VAL A 137 23.68 15.31 0.04
CA VAL A 137 22.37 15.94 0.35
C VAL A 137 21.99 15.42 1.73
N MET A 138 22.30 14.15 2.05
CA MET A 138 21.93 13.62 3.37
C MET A 138 22.80 14.12 4.52
N TYR A 139 23.67 15.11 4.28
CA TYR A 139 24.47 15.64 5.39
C TYR A 139 23.46 16.31 6.37
N PRO A 140 23.69 16.31 7.69
CA PRO A 140 22.72 16.85 8.64
C PRO A 140 22.40 18.33 8.61
N THR A 141 23.29 19.22 8.22
CA THR A 141 23.03 20.66 8.18
C THR A 141 22.80 21.15 6.77
N TYR A 142 22.09 22.26 6.68
CA TYR A 142 21.75 22.96 5.44
C TYR A 142 22.82 23.98 5.06
N GLY A 143 23.02 24.18 3.77
CA GLY A 143 23.94 25.21 3.23
C GLY A 143 25.42 24.93 3.04
N ASN A 144 25.90 23.71 2.97
CA ASN A 144 27.36 23.50 2.76
C ASN A 144 27.72 23.81 1.30
N GLY A 145 26.90 23.34 0.36
CA GLY A 145 27.12 23.56 -1.06
C GLY A 145 26.29 24.72 -1.59
N ASP A 146 25.46 24.47 -2.58
CA ASP A 146 24.64 25.53 -3.15
C ASP A 146 23.25 25.01 -3.29
N PRO A 147 22.31 25.47 -2.45
CA PRO A 147 20.92 25.01 -2.52
C PRO A 147 20.31 25.16 -3.90
N GLN A 148 20.73 26.16 -4.69
CA GLN A 148 20.18 26.37 -6.04
C GLN A 148 20.84 25.61 -7.19
N ASN A 149 21.94 24.92 -6.93
CA ASN A 149 22.65 24.16 -7.96
C ASN A 149 23.15 22.94 -7.23
N PHE A 150 22.43 21.82 -7.26
CA PHE A 150 22.92 20.64 -6.53
C PHE A 150 22.35 19.40 -7.18
N LYS A 151 22.79 18.23 -6.74
CA LYS A 151 22.33 16.93 -7.25
C LYS A 151 22.72 15.90 -6.20
N LEU A 152 22.16 14.69 -6.23
CA LEU A 152 22.56 13.66 -5.24
C LEU A 152 24.04 13.38 -5.40
N SER A 153 24.81 13.21 -4.37
CA SER A 153 26.23 12.89 -4.57
C SER A 153 26.41 11.36 -4.73
N GLN A 154 27.60 10.88 -5.06
CA GLN A 154 27.80 9.43 -5.20
C GLN A 154 27.49 8.77 -3.89
N ASP A 155 27.71 9.44 -2.75
CA ASP A 155 27.43 8.83 -1.42
C ASP A 155 25.92 8.60 -1.24
N ASP A 156 25.11 9.59 -1.62
CA ASP A 156 23.65 9.48 -1.52
C ASP A 156 23.18 8.38 -2.44
N ILE A 157 23.69 8.37 -3.66
CA ILE A 157 23.31 7.32 -4.63
C ILE A 157 23.71 5.95 -4.14
N LYS A 158 24.91 5.79 -3.59
CA LYS A 158 25.35 4.47 -3.09
C LYS A 158 24.42 3.96 -2.03
N GLY A 159 24.06 4.79 -1.07
CA GLY A 159 23.16 4.40 0.01
C GLY A 159 21.78 4.00 -0.49
N ILE A 160 21.13 4.84 -1.31
CA ILE A 160 19.78 4.47 -1.76
C ILE A 160 19.80 3.15 -2.53
N GLN A 161 20.79 2.94 -3.39
CA GLN A 161 20.86 1.68 -4.14
C GLN A 161 21.21 0.54 -3.19
N LYS A 162 21.95 0.77 -2.10
CA LYS A 162 22.24 -0.35 -1.18
C LYS A 162 20.91 -0.79 -0.62
N LEU A 163 20.00 0.15 -0.44
CA LEU A 163 18.68 -0.19 0.10
C LEU A 163 17.71 -0.80 -0.92
N TYR A 164 17.60 -0.23 -2.10
CA TYR A 164 16.64 -0.76 -3.08
C TYR A 164 17.22 -1.37 -4.33
N GLY A 165 18.52 -1.53 -4.45
CA GLY A 165 19.07 -2.08 -5.70
C GLY A 165 19.06 -0.99 -6.77
N LYS A 166 19.68 -1.27 -7.91
CA LYS A 166 19.75 -0.29 -8.99
C LYS A 166 18.59 -0.47 -9.94
N TYR B 1 -3.82 -25.57 -12.24
CA TYR B 1 -4.12 -24.18 -11.89
C TYR B 1 -3.90 -23.32 -13.09
N SER B 2 -4.35 -22.08 -13.09
CA SER B 2 -4.10 -21.14 -14.18
C SER B 2 -4.02 -19.80 -13.46
N LEU B 3 -3.32 -18.87 -14.06
CA LEU B 3 -3.12 -17.53 -13.49
C LEU B 3 -3.89 -16.58 -14.39
N PHE B 4 -3.99 -15.30 -14.06
CA PHE B 4 -4.70 -14.41 -15.00
C PHE B 4 -3.73 -14.06 -16.11
N PRO B 5 -4.25 -13.66 -17.30
CA PRO B 5 -3.35 -13.22 -18.37
C PRO B 5 -2.41 -12.17 -17.83
N ASN B 6 -1.15 -12.31 -18.20
CA ASN B 6 -0.03 -11.43 -17.80
C ASN B 6 0.39 -11.56 -16.34
N SER B 7 -0.15 -12.55 -15.64
CA SER B 7 0.21 -12.80 -14.23
C SER B 7 0.28 -11.61 -13.26
N PRO B 8 -0.78 -10.79 -13.19
CA PRO B 8 -0.81 -9.73 -12.19
C PRO B 8 -0.65 -10.32 -10.80
N LYS B 9 0.00 -9.63 -9.89
CA LYS B 9 0.18 -10.15 -8.54
C LYS B 9 0.42 -8.94 -7.65
N TRP B 10 0.23 -9.05 -6.35
CA TRP B 10 0.49 -7.93 -5.47
C TRP B 10 2.00 -7.80 -5.46
N THR B 11 2.52 -6.60 -5.63
CA THR B 11 3.97 -6.41 -5.61
C THR B 11 4.34 -5.76 -4.28
N SER B 12 4.06 -6.37 -3.13
CA SER B 12 5.75 -5.12 -3.09
C SER B 12 4.36 -6.90 -0.78
N LYS B 13 5.05 -6.73 0.35
CA LYS B 13 5.03 -7.80 1.35
C LYS B 13 3.72 -7.84 2.09
N VAL B 14 3.10 -6.68 2.29
CA VAL B 14 1.82 -6.64 3.02
C VAL B 14 0.75 -6.16 2.10
N VAL B 15 -0.43 -6.78 2.19
CA VAL B 15 -1.61 -6.45 1.38
C VAL B 15 -2.71 -6.16 2.38
N THR B 16 -3.34 -5.02 2.25
CA THR B 16 -4.40 -4.66 3.16
C THR B 16 -5.75 -5.11 2.67
N TYR B 17 -6.72 -5.20 3.56
CA TYR B 17 -8.07 -5.57 3.16
C TYR B 17 -9.05 -4.89 4.08
N ARG B 18 -10.24 -4.59 3.58
CA ARG B 18 -11.28 -3.93 4.39
C ARG B 18 -12.62 -4.54 4.04
N ILE B 19 -13.39 -4.93 5.05
CA ILE B 19 -14.72 -5.48 4.80
C ILE B 19 -15.64 -4.29 4.85
N VAL B 20 -16.00 -3.80 3.69
CA VAL B 20 -16.86 -2.63 3.58
C VAL B 20 -18.32 -2.87 3.93
N SER B 21 -18.89 -4.03 3.66
CA SER B 21 -20.29 -4.30 3.99
C SER B 21 -20.41 -5.76 4.37
N TYR B 22 -21.45 -6.05 5.14
CA TYR B 22 -21.77 -7.37 5.69
C TYR B 22 -23.09 -7.95 5.18
N THR B 23 -23.26 -9.23 5.38
CA THR B 23 -24.48 -9.93 5.00
C THR B 23 -25.39 -9.93 6.24
N ARG B 24 -26.69 -10.03 6.04
CA ARG B 24 -27.59 -10.11 7.18
C ARG B 24 -27.60 -11.56 7.69
N ASP B 25 -27.16 -12.54 6.92
CA ASP B 25 -27.17 -13.97 7.34
C ASP B 25 -26.24 -14.39 8.43
N LEU B 26 -25.17 -13.65 8.68
CA LEU B 26 -24.24 -14.07 9.71
C LEU B 26 -23.96 -12.95 10.66
N PRO B 27 -23.59 -13.26 11.91
CA PRO B 27 -23.01 -12.24 12.78
C PRO B 27 -21.79 -11.59 12.09
N HIS B 28 -21.56 -10.30 12.32
CA HIS B 28 -20.39 -9.64 11.71
C HIS B 28 -19.10 -10.28 12.14
N ILE B 29 -18.99 -10.71 13.41
CA ILE B 29 -17.73 -11.33 13.86
C ILE B 29 -17.45 -12.62 13.10
N THR B 30 -18.50 -13.34 12.70
CA THR B 30 -18.25 -14.57 11.94
C THR B 30 -17.66 -14.22 10.59
N VAL B 31 -18.17 -13.18 9.90
CA VAL B 31 -17.60 -12.84 8.58
C VAL B 31 -16.15 -12.45 8.78
N ASP B 32 -15.85 -11.63 9.79
CA ASP B 32 -14.46 -11.24 10.01
C ASP B 32 -13.57 -12.45 10.25
N ARG B 33 -13.96 -13.35 11.16
CA ARG B 33 -13.15 -14.54 11.48
C ARG B 33 -12.95 -15.38 10.23
N LEU B 34 -14.00 -15.59 9.44
CA LEU B 34 -13.92 -16.39 8.22
C LEU B 34 -13.09 -15.72 7.14
N VAL B 35 -13.18 -14.40 6.92
CA VAL B 35 -12.32 -13.76 5.90
C VAL B 35 -10.88 -13.98 6.32
N SER B 36 -10.58 -13.76 7.59
CA SER B 36 -9.21 -13.97 8.11
C SER B 36 -8.76 -15.42 7.86
N LYS B 37 -9.61 -16.40 8.23
CA LYS B 37 -9.34 -17.83 8.04
C LYS B 37 -9.00 -18.07 6.58
N ALA B 38 -9.83 -17.56 5.67
CA ALA B 38 -9.65 -17.71 4.23
C ALA B 38 -8.35 -17.12 3.72
N LEU B 39 -8.05 -15.86 4.06
CA LEU B 39 -6.80 -15.20 3.61
C LEU B 39 -5.63 -15.99 4.11
N ASN B 40 -5.66 -16.38 5.36
CA ASN B 40 -4.53 -17.15 5.89
C ASN B 40 -4.39 -18.52 5.29
N MET B 41 -5.42 -19.09 4.64
CA MET B 41 -5.24 -20.41 4.00
C MET B 41 -4.21 -20.23 2.91
N TRP B 42 -4.33 -19.17 2.13
CA TRP B 42 -3.36 -18.90 1.05
C TRP B 42 -2.09 -18.35 1.67
N GLY B 43 -2.24 -17.46 2.64
CA GLY B 43 -1.13 -16.81 3.34
C GLY B 43 -0.10 -17.80 3.81
N LYS B 44 -0.51 -18.89 4.45
CA LYS B 44 0.44 -19.89 4.95
C LYS B 44 1.38 -20.43 3.87
N GLU B 45 1.01 -20.45 2.61
CA GLU B 45 1.92 -20.97 1.59
C GLU B 45 2.87 -20.00 0.98
N ILE B 46 2.66 -18.72 1.26
CA ILE B 46 3.46 -17.71 0.58
C ILE B 46 4.08 -16.66 1.48
N PRO B 47 5.05 -15.91 0.96
CA PRO B 47 5.60 -14.85 1.79
C PRO B 47 4.71 -13.60 2.01
N LEU B 48 3.51 -13.45 1.46
CA LEU B 48 2.72 -12.22 1.74
C LEU B 48 2.22 -12.16 3.16
N HIS B 49 1.73 -11.00 3.63
CA HIS B 49 1.16 -10.83 5.00
C HIS B 49 -0.05 -9.93 4.78
N PHE B 50 -1.11 -10.09 5.54
CA PHE B 50 -2.33 -9.29 5.36
C PHE B 50 -2.65 -8.41 6.55
N ARG B 51 -3.28 -7.26 6.34
CA ARG B 51 -3.64 -6.34 7.45
C ARG B 51 -5.01 -5.77 7.14
N LYS B 52 -5.90 -5.86 8.10
CA LYS B 52 -7.27 -5.37 7.99
C LYS B 52 -7.32 -3.91 8.34
N VAL B 53 -7.98 -3.06 7.55
CA VAL B 53 -8.11 -1.65 7.96
C VAL B 53 -9.63 -1.41 8.08
N VAL B 54 -10.09 -0.43 8.86
CA VAL B 54 -11.55 -0.22 8.97
C VAL B 54 -12.13 1.04 8.33
N TRP B 55 -11.33 1.80 7.57
CA TRP B 55 -11.78 3.05 6.91
C TRP B 55 -10.85 3.27 5.73
N GLY B 56 -11.21 4.14 4.79
CA GLY B 56 -10.36 4.40 3.62
C GLY B 56 -10.24 3.21 2.69
N THR B 57 -9.25 3.33 1.83
CA THR B 57 -8.87 2.38 0.80
C THR B 57 -7.99 1.27 1.31
N ALA B 58 -8.13 0.10 0.74
CA ALA B 58 -7.34 -1.07 1.08
C ALA B 58 -7.11 -1.73 -0.26
N ASP B 59 -6.10 -2.56 -0.42
CA ASP B 59 -5.87 -3.25 -1.72
C ASP B 59 -7.05 -4.13 -2.03
N ILE B 60 -7.55 -4.89 -1.06
CA ILE B 60 -8.70 -5.77 -1.24
C ILE B 60 -9.94 -5.25 -0.53
N MET B 61 -10.97 -4.85 -1.29
CA MET B 61 -12.19 -4.34 -0.66
C MET B 61 -13.20 -5.48 -0.76
N ILE B 62 -13.75 -5.90 0.37
CA ILE B 62 -14.72 -6.99 0.44
C ILE B 62 -16.10 -6.44 0.80
N GLY B 63 -17.15 -6.89 0.10
CA GLY B 63 -18.50 -6.44 0.40
C GLY B 63 -19.54 -7.35 -0.20
N PHE B 64 -20.73 -7.28 0.37
CA PHE B 64 -21.89 -8.05 -0.09
C PHE B 64 -22.75 -7.11 -0.91
N ALA B 65 -23.45 -7.56 -1.95
CA ALA B 65 -24.31 -6.69 -2.77
C ALA B 65 -25.34 -7.53 -3.51
N ARG B 66 -26.51 -6.99 -3.72
CA ARG B 66 -27.55 -7.72 -4.45
C ARG B 66 -27.63 -6.96 -5.79
N GLY B 67 -27.88 -7.63 -6.89
CA GLY B 67 -28.04 -6.92 -8.17
C GLY B 67 -26.93 -5.98 -8.57
N ALA B 68 -27.30 -4.89 -9.24
CA ALA B 68 -26.33 -3.89 -9.72
C ALA B 68 -25.70 -3.19 -8.54
N HIS B 69 -24.38 -3.02 -8.52
CA HIS B 69 -23.70 -2.36 -7.37
C HIS B 69 -22.51 -1.52 -7.78
N GLY B 70 -22.65 -0.87 -8.93
CA GLY B 70 -21.60 0.01 -9.43
C GLY B 70 -20.59 -0.59 -10.37
N ASP B 71 -20.11 -1.80 -10.16
CA ASP B 71 -19.06 -2.36 -11.02
C ASP B 71 -19.34 -2.98 -12.36
N SER B 72 -20.53 -2.87 -12.92
CA SER B 72 -20.80 -3.48 -14.24
C SER B 72 -20.83 -5.02 -14.31
N TYR B 73 -21.01 -5.70 -13.17
CA TYR B 73 -21.14 -7.17 -13.15
C TYR B 73 -22.28 -7.40 -12.16
N PRO B 74 -23.51 -7.03 -12.53
CA PRO B 74 -24.66 -7.10 -11.63
C PRO B 74 -24.86 -8.48 -11.12
N PHE B 75 -25.24 -8.66 -9.85
CA PHE B 75 -25.50 -10.01 -9.39
C PHE B 75 -26.85 -10.41 -9.99
N ASP B 76 -27.21 -11.66 -9.85
CA ASP B 76 -28.41 -12.23 -10.46
C ASP B 76 -29.41 -12.91 -9.54
N GLY B 77 -29.53 -12.56 -8.27
CA GLY B 77 -30.54 -13.25 -7.42
C GLY B 77 -30.04 -14.59 -6.92
N PRO B 78 -30.82 -15.34 -6.15
CA PRO B 78 -30.38 -16.59 -5.54
C PRO B 78 -29.82 -17.55 -6.57
N GLY B 79 -28.77 -18.30 -6.22
CA GLY B 79 -28.16 -19.28 -7.14
C GLY B 79 -27.38 -18.66 -8.28
N ASN B 80 -26.97 -19.49 -9.25
CA ASN B 80 -26.19 -19.10 -10.42
C ASN B 80 -24.88 -18.49 -9.95
N THR B 81 -24.44 -17.29 -10.33
CA THR B 81 -23.18 -16.71 -9.83
C THR B 81 -23.36 -16.42 -8.37
N LEU B 82 -22.50 -16.95 -7.54
CA LEU B 82 -22.48 -16.79 -6.08
C LEU B 82 -20.73 -17.27 -5.45
N ALA B 83 -20.66 -15.18 -6.31
CA ALA B 83 -19.81 -14.06 -5.95
C ALA B 83 -18.85 -13.81 -7.10
N HIS B 84 -18.02 -12.78 -7.02
CA HIS B 84 -17.00 -12.54 -8.05
C HIS B 84 -15.89 -11.68 -7.44
N ALA B 85 -14.70 -11.74 -7.99
CA ALA B 85 -13.54 -11.00 -7.48
C ALA B 85 -12.67 -10.61 -8.66
N PHE B 86 -11.70 -9.72 -8.46
CA PHE B 86 -10.89 -9.23 -9.59
C PHE B 86 -9.43 -9.39 -9.34
N ALA B 87 -8.68 -9.65 -10.42
CA ALA B 87 -7.22 -9.83 -10.38
C ALA B 87 -6.53 -8.68 -9.68
N PRO B 88 -5.35 -8.88 -9.08
CA PRO B 88 -4.65 -7.77 -8.42
C PRO B 88 -4.51 -6.55 -9.32
N GLY B 89 -4.55 -5.35 -8.73
CA GLY B 89 -4.44 -4.10 -9.48
C GLY B 89 -5.00 -2.96 -8.65
N THR B 90 -5.14 -1.76 -9.21
CA THR B 90 -5.69 -0.66 -8.40
C THR B 90 -7.17 -0.54 -8.68
N GLY B 91 -7.88 0.28 -7.90
CA GLY B 91 -9.32 0.43 -8.11
C GLY B 91 -10.02 -0.87 -7.74
N LEU B 92 -10.86 -1.34 -8.63
CA LEU B 92 -11.63 -2.58 -8.45
C LEU B 92 -10.67 -3.78 -8.34
N GLY B 93 -9.46 -3.65 -8.85
CA GLY B 93 -8.52 -4.77 -8.80
C GLY B 93 -8.40 -5.30 -7.39
N GLY B 94 -8.40 -6.62 -7.23
CA GLY B 94 -8.28 -7.28 -5.93
C GLY B 94 -9.59 -7.36 -5.16
N ASP B 95 -10.65 -6.64 -5.53
CA ASP B 95 -11.86 -6.69 -4.72
C ASP B 95 -12.65 -7.97 -4.83
N ALA B 96 -13.45 -8.30 -3.81
CA ALA B 96 -14.25 -9.53 -3.77
C ALA B 96 -15.67 -9.12 -3.37
N HIS B 97 -16.68 -9.47 -4.16
CA HIS B 97 -18.08 -9.11 -3.89
C HIS B 97 -18.85 -10.39 -3.76
N PHE B 98 -19.75 -10.50 -2.78
CA PHE B 98 -20.54 -11.71 -2.56
C PHE B 98 -21.98 -11.33 -2.79
N ASP B 99 -22.72 -12.17 -3.47
CA ASP B 99 -24.11 -11.89 -3.75
C ASP B 99 -24.95 -12.00 -2.49
N GLU B 100 -25.48 -10.88 -2.01
CA GLU B 100 -26.31 -10.91 -0.81
C GLU B 100 -27.57 -11.73 -1.04
N ASP B 101 -28.01 -11.99 -2.29
CA ASP B 101 -29.21 -12.84 -2.46
C ASP B 101 -28.98 -14.32 -2.14
N GLU B 102 -27.75 -14.71 -1.85
CA GLU B 102 -27.49 -16.11 -1.47
C GLU B 102 -27.74 -16.28 0.01
N ARG B 103 -28.04 -17.49 0.45
CA ARG B 103 -28.25 -17.78 1.90
C ARG B 103 -26.84 -18.15 2.39
N TRP B 104 -26.08 -17.23 2.95
CA TRP B 104 -24.72 -17.55 3.40
C TRP B 104 -24.72 -18.23 4.74
N THR B 105 -23.78 -19.15 4.94
CA THR B 105 -23.69 -19.87 6.21
C THR B 105 -22.25 -20.14 6.56
N ASP B 106 -22.01 -20.37 7.83
CA ASP B 106 -20.68 -20.72 8.35
C ASP B 106 -20.57 -22.25 8.30
N GLY B 107 -21.61 -22.98 7.91
CA GLY B 107 -21.53 -24.43 7.81
C GLY B 107 -22.53 -25.11 8.72
N SER B 108 -23.06 -24.43 9.70
CA SER B 108 -24.01 -25.06 10.59
C SER B 108 -25.47 -25.01 10.09
N SER B 109 -25.71 -24.52 8.87
CA SER B 109 -27.09 -24.47 8.33
C SER B 109 -27.04 -24.80 6.86
N LEU B 110 -28.22 -24.94 6.26
CA LEU B 110 -28.31 -25.23 4.83
C LEU B 110 -28.03 -23.92 4.11
N GLY B 111 -27.21 -23.88 3.06
CA GLY B 111 -26.96 -22.61 2.39
C GLY B 111 -25.64 -22.68 1.67
N ILE B 112 -24.96 -21.57 1.46
CA ILE B 112 -23.68 -21.56 0.78
C ILE B 112 -22.66 -21.22 1.85
N ASN B 113 -21.64 -22.08 1.95
CA ASN B 113 -20.56 -21.94 2.93
C ASN B 113 -19.69 -20.76 2.61
N PHE B 114 -19.76 -19.73 3.43
CA PHE B 114 -18.97 -18.51 3.21
C PHE B 114 -17.47 -18.75 3.26
N LEU B 115 -16.94 -19.59 4.15
CA LEU B 115 -15.47 -19.81 4.18
C LEU B 115 -15.02 -20.40 2.84
N TYR B 116 -15.72 -21.41 2.32
CA TYR B 116 -15.34 -22.01 1.04
C TYR B 116 -15.41 -20.94 -0.06
N ALA B 117 -16.54 -20.22 -0.16
CA ALA B 117 -16.70 -19.16 -1.18
C ALA B 117 -15.62 -18.09 -1.05
N ALA B 118 -15.34 -17.60 0.17
CA ALA B 118 -14.31 -16.57 0.36
C ALA B 118 -12.96 -17.12 -0.01
N THR B 119 -12.63 -18.39 0.30
CA THR B 119 -11.27 -18.86 -0.06
C THR B 119 -11.10 -18.79 -1.58
N HIS B 120 -12.14 -19.18 -2.32
CA HIS B 120 -12.13 -19.15 -3.78
C HIS B 120 -12.01 -17.71 -4.29
N GLU B 121 -12.86 -16.81 -3.81
CA GLU B 121 -12.78 -15.43 -4.27
C GLU B 121 -11.47 -14.75 -3.91
N LEU B 122 -10.96 -14.92 -2.68
CA LEU B 122 -9.69 -14.29 -2.31
C LEU B 122 -8.58 -14.93 -3.11
N GLY B 123 -8.75 -16.18 -3.59
CA GLY B 123 -7.73 -16.81 -4.46
C GLY B 123 -7.62 -15.90 -5.69
N HIS B 124 -8.78 -15.52 -6.28
CA HIS B 124 -8.83 -14.60 -7.45
C HIS B 124 -8.18 -13.28 -7.06
N SER B 125 -8.51 -12.69 -5.89
CA SER B 125 -7.90 -11.45 -5.40
C SER B 125 -6.37 -11.54 -5.35
N LEU B 126 -5.82 -12.72 -5.10
CA LEU B 126 -4.36 -12.91 -5.06
C LEU B 126 -3.79 -13.18 -6.44
N GLY B 127 -4.60 -13.43 -7.45
CA GLY B 127 -4.04 -13.66 -8.80
C GLY B 127 -4.35 -15.01 -9.40
N MET B 128 -5.03 -15.87 -8.66
CA MET B 128 -5.38 -17.21 -9.18
C MET B 128 -6.50 -17.21 -10.18
N GLY B 129 -6.35 -18.00 -11.23
CA GLY B 129 -7.36 -18.18 -12.26
C GLY B 129 -8.07 -19.52 -11.92
N HIS B 130 -8.87 -20.08 -12.81
CA HIS B 130 -9.57 -21.33 -12.53
C HIS B 130 -8.77 -22.56 -12.81
N SER B 131 -9.10 -23.63 -12.08
CA SER B 131 -8.46 -24.94 -12.21
C SER B 131 -9.36 -25.89 -12.99
N SER B 132 -8.76 -26.87 -13.65
CA SER B 132 -9.49 -27.92 -14.39
C SER B 132 -9.70 -29.09 -13.45
N ASP B 133 -8.97 -29.11 -12.34
CA ASP B 133 -9.07 -30.16 -11.32
C ASP B 133 -10.32 -30.01 -10.46
N PRO B 134 -11.30 -30.92 -10.58
CA PRO B 134 -12.58 -30.86 -9.86
C PRO B 134 -12.41 -30.71 -8.38
N ASN B 135 -11.30 -31.20 -7.86
CA ASN B 135 -10.97 -31.14 -6.44
C ASN B 135 -10.33 -29.85 -5.98
N ALA B 136 -9.80 -29.02 -6.86
CA ALA B 136 -9.17 -27.78 -6.37
C ALA B 136 -10.21 -26.76 -5.93
N VAL B 137 -9.86 -25.94 -4.94
CA VAL B 137 -10.76 -24.87 -4.45
C VAL B 137 -10.99 -23.91 -5.63
N MET B 138 -9.97 -23.69 -6.47
CA MET B 138 -10.14 -22.79 -7.63
C MET B 138 -10.95 -23.37 -8.79
N TYR B 139 -11.57 -24.54 -8.58
CA TYR B 139 -12.41 -25.10 -9.68
C TYR B 139 -13.59 -24.09 -9.84
N PRO B 140 -14.14 -23.88 -11.04
CA PRO B 140 -15.21 -22.89 -11.25
C PRO B 140 -16.56 -23.09 -10.57
N THR B 141 -17.01 -24.30 -10.30
CA THR B 141 -18.31 -24.53 -9.65
C THR B 141 -18.16 -24.91 -8.19
N TYR B 142 -19.22 -24.68 -7.45
CA TYR B 142 -19.34 -24.97 -6.02
C TYR B 142 -19.89 -26.37 -5.78
N GLY B 143 -19.46 -27.01 -4.69
CA GLY B 143 -19.95 -28.33 -4.27
C GLY B 143 -19.40 -29.63 -4.82
N ASN B 144 -18.20 -29.70 -5.36
CA ASN B 144 -17.71 -30.99 -5.88
C ASN B 144 -17.29 -31.86 -4.70
N GLY B 145 -16.59 -31.28 -3.73
CA GLY B 145 -16.12 -31.98 -2.56
C GLY B 145 -17.02 -31.78 -1.36
N ASP B 146 -16.48 -31.26 -0.28
CA ASP B 146 -17.28 -31.04 0.93
C ASP B 146 -17.00 -29.67 1.45
N PRO B 147 -17.93 -28.72 1.30
CA PRO B 147 -17.72 -27.34 1.75
C PRO B 147 -17.32 -27.26 3.22
N GLN B 148 -17.77 -28.19 4.05
CA GLN B 148 -17.46 -28.17 5.47
C GLN B 148 -16.17 -28.89 5.90
N ASN B 149 -15.49 -29.56 4.99
CA ASN B 149 -14.24 -30.29 5.32
C ASN B 149 -13.42 -30.14 4.06
N PHE B 150 -12.55 -29.16 3.99
CA PHE B 150 -11.75 -28.97 2.77
C PHE B 150 -10.46 -28.27 3.10
N LYS B 151 -9.56 -28.15 2.13
CA LYS B 151 -8.26 -27.48 2.29
C LYS B 151 -7.76 -27.18 0.88
N LEU B 152 -6.77 -26.32 0.72
CA LEU B 152 -6.23 -26.04 -0.63
C LEU B 152 -5.67 -27.35 -1.20
N SER B 153 -5.85 -27.65 -2.46
CA SER B 153 -5.27 -28.88 -2.99
C SER B 153 -3.83 -28.60 -3.46
N GLN B 154 -3.07 -29.62 -3.85
CA GLN B 154 -1.71 -29.39 -4.33
C GLN B 154 -1.75 -28.49 -5.54
N ASP B 155 -2.81 -28.55 -6.34
CA ASP B 155 -2.91 -27.69 -7.54
C ASP B 155 -3.02 -26.20 -7.15
N ASP B 156 -3.85 -25.92 -6.13
CA ASP B 156 -4.04 -24.55 -5.67
C ASP B 156 -2.74 -24.06 -5.10
N ILE B 157 -2.10 -24.88 -4.28
CA ILE B 157 -0.81 -24.51 -3.67
C ILE B 157 0.25 -24.28 -4.74
N LYS B 158 0.33 -25.13 -5.78
CA LYS B 158 1.33 -24.96 -6.83
C LYS B 158 1.18 -23.64 -7.52
N GLY B 159 -0.06 -23.29 -7.88
CA GLY B 159 -0.34 -22.01 -8.55
C GLY B 159 0.02 -20.81 -7.70
N ILE B 160 -0.44 -20.74 -6.43
CA ILE B 160 -0.13 -19.55 -5.63
C ILE B 160 1.38 -19.39 -5.46
N GLN B 161 2.11 -20.49 -5.23
CA GLN B 161 3.57 -20.39 -5.08
C GLN B 161 4.20 -20.04 -6.41
N LYS B 162 3.64 -20.44 -7.55
CA LYS B 162 4.25 -20.06 -8.83
C LYS B 162 4.18 -18.55 -8.92
N LEU B 163 3.13 -17.97 -8.33
CA LEU B 163 2.99 -16.51 -8.37
C LEU B 163 3.81 -15.76 -7.33
N TYR B 164 3.83 -16.21 -6.08
CA TYR B 164 4.57 -15.50 -5.05
C TYR B 164 5.76 -16.20 -4.46
N GLY B 165 6.16 -17.37 -4.95
CA GLY B 165 7.29 -18.08 -4.33
C GLY B 165 6.80 -18.75 -3.05
N LYS B 166 7.65 -19.55 -2.44
CA LYS B 166 7.28 -20.27 -1.21
C LYS B 166 7.68 -19.45 0.01
ZN ZN C . 18.18 14.70 8.16
ZN ZN D . 6.31 16.38 12.95
CA CA E . 3.08 7.22 6.67
CA CA F . 12.47 25.80 12.79
C1 RSS G . 16.88 16.87 9.24
O1 RSS G . 15.96 16.17 8.59
O2 RSS G . 17.93 16.23 9.39
C2 RSS G . 16.69 18.33 9.61
C3 RSS G . 17.65 19.16 8.78
C4 RSS G . 17.89 20.44 9.55
O3 RSS G . 16.96 21.21 9.78
N2 RSS G . 19.13 20.67 10.01
C5 RSS G . 19.48 21.83 10.79
C6 RSS G . 19.89 22.99 9.94
O4 RSS G . 20.71 22.79 9.04
N3 RSS G . 19.40 24.17 10.25
C7 RSS G . 19.74 25.41 9.55
C8 RSS G . 19.38 26.59 10.51
C9 RSS G . 20.12 26.60 11.89
C10 RSS G . 21.63 26.84 11.85
C11 RSS G . 22.28 26.78 13.27
C12 RSS G . 23.03 25.49 13.66
N4 RSS G . 22.13 24.33 13.55
C13 RSS G . 17.09 19.45 7.37
C14 RSS G . 17.98 20.29 6.44
C15 RSS G . 19.31 19.57 6.11
C16 RSS G . 17.14 20.62 5.22
C17 RSS G . 20.61 21.43 11.76
C18 RSS G . 21.00 22.54 12.66
C19 RSS G . 22.06 23.44 12.49
C20 RSS G . 20.40 22.91 13.89
C21 RSS G . 21.14 24.02 14.41
C22 RSS G . 19.31 22.38 14.60
C23 RSS G . 20.77 24.59 15.62
C24 RSS G . 18.96 22.97 15.81
C25 RSS G . 19.70 24.06 16.31
ZN ZN H . -13.85 -18.29 -9.72
ZN ZN I . -19.30 -6.68 -8.25
CA CA J . -8.97 -2.87 -4.80
CA CA K . -26.59 -15.28 -7.40
C1 RSS L . -16.42 -17.51 -9.33
O1 RSS L . -15.65 -16.65 -8.66
O2 RSS L . -15.77 -18.20 -10.11
C2 RSS L . -17.88 -17.69 -9.07
C3 RSS L . -18.10 -19.06 -8.46
C4 RSS L . -19.54 -19.44 -8.75
O3 RSS L . -20.49 -18.81 -8.27
N2 RSS L . -19.74 -20.45 -9.60
C5 RSS L . -21.07 -20.91 -9.98
C6 RSS L . -21.63 -21.91 -9.03
O4 RSS L . -20.93 -22.85 -8.65
N3 RSS L . -22.90 -21.74 -8.67
C7 RSS L . -23.64 -22.66 -7.78
C8 RSS L . -25.17 -22.44 -8.03
C9 RSS L . -25.65 -22.66 -9.49
C10 RSS L . -25.58 -24.11 -10.01
C11 RSS L . -26.07 -24.24 -11.47
C12 RSS L . -24.98 -24.39 -12.56
N4 RSS L . -24.06 -23.24 -12.52
C13 RSS L . -17.82 -19.06 -6.95
C14 RSS L . -18.00 -20.43 -6.24
C15 RSS L . -16.99 -21.47 -6.75
C16 RSS L . -17.86 -20.18 -4.74
C17 RSS L . -20.96 -21.54 -11.39
C18 RSS L . -22.28 -21.93 -11.93
C19 RSS L . -22.84 -23.21 -11.92
C20 RSS L . -23.24 -21.14 -12.60
C21 RSS L . -24.34 -21.99 -12.94
C22 RSS L . -23.27 -19.78 -12.92
C23 RSS L . -25.45 -21.47 -13.62
C24 RSS L . -24.38 -19.29 -13.59
C25 RSS L . -25.46 -20.13 -13.93
#